data_2QFL
#
_entry.id   2QFL
#
_cell.length_a   89.767
_cell.length_b   45.447
_cell.length_c   71.758
_cell.angle_alpha   90.00
_cell.angle_beta   125.43
_cell.angle_gamma   90.00
#
_symmetry.space_group_name_H-M   'C 1 2 1'
#
loop_
_entity.id
_entity.type
_entity.pdbx_description
1 polymer Inositol-1-monophosphatase
2 non-polymer 'ACETATE ION'
3 non-polymer 'ETHYL ACETATE'
4 water water
#
_entity_poly.entity_id   1
_entity_poly.type   'polypeptide(L)'
_entity_poly.pdbx_seq_one_letter_code
;MHPMLNIAVRAARKAGNLIAKNYETPDAVEASQKGSNDFVTNVDKAAEAVIIDTIRKSYPQHTIITEESGELEGTDQDVQ
WVIDPLDGTTNFIKRLPHFAVSIAVRIKGRTEVAVVYDPMRNELFTATRGQGAQLNGYRLRGSTARDLDGTILATGFPFK
AKQYATTYINIVGKLFNECADFRATGSAALDLAYVAAGRVDGFFEIGLRPWDFAAGELLVREAGGIVSDFTGGHNYMLTG
NIVAGNPRVVKAMLANMRDELSDALKR
;
_entity_poly.pdbx_strand_id   A
#
loop_
_chem_comp.id
_chem_comp.type
_chem_comp.name
_chem_comp.formula
ACT non-polymer 'ACETATE ION' 'C2 H3 O2 -1'
EEE non-polymer 'ETHYL ACETATE' 'C4 H8 O2'
#
# COMPACT_ATOMS: atom_id res chain seq x y z
N MET A 1 18.08 8.72 -5.64
CA MET A 1 17.80 8.06 -4.34
C MET A 1 17.11 9.09 -3.46
N HIS A 2 17.88 9.96 -2.82
CA HIS A 2 17.24 11.12 -2.16
C HIS A 2 16.91 12.22 -3.17
N PRO A 3 17.66 12.31 -4.28
CA PRO A 3 17.05 13.05 -5.39
C PRO A 3 15.84 12.31 -5.95
N MET A 4 15.92 10.97 -6.08
CA MET A 4 14.74 10.20 -6.51
C MET A 4 13.58 10.33 -5.51
N LEU A 5 13.94 10.28 -4.22
CA LEU A 5 12.96 10.46 -3.08
C LEU A 5 12.31 11.84 -3.15
N ASN A 6 13.13 12.83 -3.48
CA ASN A 6 12.63 14.16 -3.52
C ASN A 6 11.63 14.30 -4.68
N ILE A 7 11.86 13.60 -5.80
CA ILE A 7 10.90 13.63 -6.89
C ILE A 7 9.68 12.77 -6.63
N ALA A 8 9.88 11.63 -5.99
CA ALA A 8 8.73 10.76 -5.56
C ALA A 8 7.78 11.53 -4.64
N VAL A 9 8.33 12.25 -3.68
CA VAL A 9 7.50 13.07 -2.76
C VAL A 9 6.82 14.20 -3.49
N ARG A 10 7.55 14.94 -4.36
CA ARG A 10 6.96 15.97 -5.18
C ARG A 10 5.81 15.46 -5.96
N ALA A 11 6.04 14.36 -6.66
CA ALA A 11 4.96 13.74 -7.45
C ALA A 11 3.73 13.31 -6.57
N ALA A 12 4.04 12.68 -5.46
CA ALA A 12 2.94 12.15 -4.55
C ALA A 12 2.12 13.27 -3.90
N ARG A 13 2.77 14.34 -3.46
CA ARG A 13 2.02 15.55 -3.03
C ARG A 13 1.24 16.27 -4.13
N LYS A 14 1.79 16.47 -5.34
CA LYS A 14 0.95 17.08 -6.39
C LYS A 14 -0.20 16.17 -6.75
N ALA A 15 0.00 14.87 -6.81
CA ALA A 15 -1.16 14.02 -7.08
C ALA A 15 -2.12 14.13 -5.86
N GLY A 16 -1.53 14.13 -4.67
CA GLY A 16 -2.32 14.17 -3.43
C GLY A 16 -3.11 15.44 -3.29
N ASN A 17 -2.49 16.57 -3.61
CA ASN A 17 -3.20 17.83 -3.54
C ASN A 17 -4.36 17.88 -4.52
N LEU A 18 -4.19 17.26 -5.70
CA LEU A 18 -5.26 17.21 -6.72
C LEU A 18 -6.43 16.30 -6.29
N ILE A 19 -6.08 15.14 -5.70
CA ILE A 19 -7.10 14.21 -5.17
C ILE A 19 -7.83 14.91 -3.95
N ALA A 20 -7.13 15.56 -3.07
CA ALA A 20 -7.81 16.33 -1.98
C ALA A 20 -8.78 17.35 -2.50
N LYS A 21 -8.41 18.07 -3.58
CA LYS A 21 -9.24 19.14 -4.11
C LYS A 21 -10.52 18.63 -4.69
N ASN A 22 -10.47 17.50 -5.39
CA ASN A 22 -11.67 16.92 -5.98
C ASN A 22 -12.53 16.11 -5.00
N TYR A 23 -11.95 15.71 -3.88
CA TYR A 23 -12.70 15.03 -2.84
C TYR A 23 -13.78 15.99 -2.33
N GLU A 24 -13.45 17.27 -2.32
CA GLU A 24 -14.38 18.29 -1.83
C GLU A 24 -15.50 18.66 -2.83
N THR A 25 -15.40 18.15 -4.05
CA THR A 25 -16.42 18.21 -5.09
C THR A 25 -17.22 16.88 -5.11
N PRO A 26 -18.40 16.84 -5.77
CA PRO A 26 -19.00 15.57 -6.25
C PRO A 26 -18.86 15.27 -7.76
N ASP A 27 -18.77 16.35 -8.56
CA ASP A 27 -18.94 16.39 -10.04
C ASP A 27 -19.02 15.08 -10.84
N ALA A 28 -20.18 14.87 -11.49
CA ALA A 28 -20.36 13.86 -12.55
C ALA A 28 -20.31 12.35 -12.15
N VAL A 29 -20.39 12.06 -10.83
CA VAL A 29 -20.30 10.67 -10.31
C VAL A 29 -21.30 9.75 -11.04
N GLU A 30 -20.82 9.01 -12.05
CA GLU A 30 -21.75 8.27 -12.95
C GLU A 30 -21.45 6.77 -13.26
N ALA A 31 -21.81 5.94 -12.27
CA ALA A 31 -21.87 4.48 -12.35
C ALA A 31 -22.35 3.99 -10.98
N SER A 32 -22.99 2.84 -10.96
CA SER A 32 -23.48 2.20 -9.72
C SER A 32 -23.46 0.67 -9.87
N GLN A 33 -23.70 0.22 -11.11
CA GLN A 33 -23.76 -1.20 -11.55
C GLN A 33 -22.75 -2.16 -10.86
N LYS A 34 -21.60 -1.60 -10.47
CA LYS A 34 -20.60 -2.25 -9.61
C LYS A 34 -20.09 -1.29 -8.53
N GLY A 35 -19.66 -0.09 -8.95
CA GLY A 35 -19.21 0.96 -8.03
C GLY A 35 -18.52 2.09 -8.76
N SER A 36 -17.30 1.83 -9.23
CA SER A 36 -16.40 2.83 -9.85
C SER A 36 -16.98 3.65 -11.03
N ASN A 37 -17.34 4.89 -10.71
CA ASN A 37 -17.92 5.83 -11.66
C ASN A 37 -16.87 6.60 -12.47
N ASP A 38 -17.35 7.33 -13.48
CA ASP A 38 -16.50 8.19 -14.32
C ASP A 38 -15.64 9.16 -13.53
N PHE A 39 -16.19 9.74 -12.47
CA PHE A 39 -15.49 10.79 -11.72
C PHE A 39 -14.22 10.30 -11.00
N VAL A 40 -14.30 9.21 -10.22
CA VAL A 40 -13.11 8.71 -9.54
C VAL A 40 -12.03 8.38 -10.57
N THR A 41 -12.44 7.81 -11.70
CA THR A 41 -11.53 7.40 -12.77
C THR A 41 -10.92 8.61 -13.48
N ASN A 42 -11.74 9.62 -13.76
CA ASN A 42 -11.20 10.90 -14.21
C ASN A 42 -10.26 11.55 -13.20
N VAL A 43 -10.59 11.47 -11.91
CA VAL A 43 -9.76 12.08 -10.87
C VAL A 43 -8.44 11.32 -10.76
N ASP A 44 -8.58 10.01 -10.88
CA ASP A 44 -7.50 9.04 -10.76
C ASP A 44 -6.48 9.12 -11.93
N LYS A 45 -7.03 9.23 -13.13
CA LYS A 45 -6.29 9.41 -14.40
C LYS A 45 -5.51 10.73 -14.40
N ALA A 46 -6.15 11.80 -13.99
CA ALA A 46 -5.49 13.08 -13.73
C ALA A 46 -4.43 13.05 -12.69
N ALA A 47 -4.62 12.28 -11.60
CA ALA A 47 -3.49 12.06 -10.63
C ALA A 47 -2.29 11.31 -11.25
N GLU A 48 -2.59 10.19 -11.93
CA GLU A 48 -1.59 9.43 -12.69
C GLU A 48 -0.74 10.33 -13.65
N ALA A 49 -1.41 11.08 -14.52
CA ALA A 49 -0.78 12.11 -15.45
C ALA A 49 0.16 13.07 -14.74
N VAL A 50 -0.29 13.59 -13.59
CA VAL A 50 0.55 14.47 -12.79
C VAL A 50 1.79 13.75 -12.27
N ILE A 51 1.63 12.49 -11.89
CA ILE A 51 2.76 11.79 -11.33
C ILE A 51 3.81 11.47 -12.45
N ILE A 52 3.31 10.91 -13.55
CA ILE A 52 4.10 10.65 -14.77
C ILE A 52 4.81 11.92 -15.21
N ASP A 53 4.07 13.01 -15.46
CA ASP A 53 4.66 14.36 -15.85
C ASP A 53 5.78 14.79 -14.87
N THR A 54 5.49 14.70 -13.56
CA THR A 54 6.51 15.05 -12.58
C THR A 54 7.75 14.14 -12.63
N ILE A 55 7.53 12.85 -12.79
CA ILE A 55 8.70 11.96 -12.80
C ILE A 55 9.55 12.23 -14.09
N ARG A 56 8.87 12.42 -15.21
CA ARG A 56 9.60 12.51 -16.52
C ARG A 56 10.37 13.84 -16.71
N LYS A 57 10.09 14.86 -15.87
CA LYS A 57 10.76 16.13 -15.97
C LYS A 57 12.15 15.95 -15.42
N SER A 58 12.39 14.94 -14.61
CA SER A 58 13.73 14.74 -14.09
C SER A 58 14.34 13.43 -14.52
N TYR A 59 13.50 12.44 -14.82
CA TYR A 59 14.00 11.08 -15.11
C TYR A 59 13.21 10.50 -16.28
N PRO A 60 13.30 11.15 -17.47
CA PRO A 60 12.51 10.68 -18.62
C PRO A 60 12.99 9.32 -19.16
N GLN A 61 14.17 8.89 -18.72
CA GLN A 61 14.78 7.61 -19.09
C GLN A 61 14.24 6.38 -18.35
N HIS A 62 13.54 6.57 -17.22
CA HIS A 62 13.08 5.43 -16.40
C HIS A 62 11.82 4.76 -16.86
N THR A 63 11.64 3.49 -16.50
CA THR A 63 10.43 2.78 -16.75
C THR A 63 9.49 3.26 -15.61
N ILE A 64 8.23 3.47 -15.94
CA ILE A 64 7.16 3.82 -15.00
C ILE A 64 6.07 2.78 -15.21
N ILE A 65 5.56 2.23 -14.11
CA ILE A 65 4.48 1.24 -14.14
C ILE A 65 3.36 1.79 -13.27
N THR A 66 2.16 1.98 -13.83
CA THR A 66 1.03 2.48 -13.07
C THR A 66 -0.14 1.50 -13.09
N GLU A 67 -0.95 1.61 -12.05
CA GLU A 67 -2.14 0.84 -11.96
C GLU A 67 -3.00 1.01 -13.21
N GLU A 68 -3.04 2.23 -13.76
CA GLU A 68 -3.95 2.42 -14.90
C GLU A 68 -3.42 2.12 -16.35
N SER A 69 -2.10 2.19 -16.54
CA SER A 69 -1.50 2.07 -17.86
C SER A 69 -0.56 0.85 -18.02
N GLY A 70 -0.30 0.12 -16.95
CA GLY A 70 0.74 -0.89 -17.02
C GLY A 70 2.09 -0.21 -17.22
N GLU A 71 2.99 -0.91 -17.94
CA GLU A 71 4.38 -0.54 -18.05
C GLU A 71 4.64 0.40 -19.24
N LEU A 72 5.18 1.55 -18.92
CA LEU A 72 5.58 2.49 -19.92
C LEU A 72 7.07 2.38 -19.87
N GLU A 73 7.62 1.54 -20.76
CA GLU A 73 9.06 1.26 -20.81
C GLU A 73 9.89 2.49 -21.04
N GLY A 74 10.98 2.60 -20.28
CA GLY A 74 11.93 3.68 -20.49
C GLY A 74 13.22 3.13 -21.13
N THR A 75 14.10 4.02 -21.54
CA THR A 75 15.35 3.58 -22.17
C THR A 75 16.22 2.93 -21.15
N ASP A 76 16.09 3.38 -19.91
CA ASP A 76 16.89 2.83 -18.83
C ASP A 76 16.03 1.82 -18.06
N GLN A 77 16.24 0.54 -18.31
CA GLN A 77 15.34 -0.49 -17.78
C GLN A 77 15.67 -0.80 -16.32
N ASP A 78 16.72 -0.19 -15.78
CA ASP A 78 17.17 -0.71 -14.51
C ASP A 78 16.40 -0.07 -13.35
N VAL A 79 15.67 1.01 -13.66
CA VAL A 79 14.88 1.77 -12.68
C VAL A 79 13.42 1.70 -13.11
N GLN A 80 12.56 1.23 -12.19
CA GLN A 80 11.14 1.28 -12.41
C GLN A 80 10.46 2.05 -11.29
N TRP A 81 9.52 2.90 -11.67
CA TRP A 81 8.70 3.62 -10.71
C TRP A 81 7.43 2.83 -10.70
N VAL A 82 7.01 2.37 -9.52
CA VAL A 82 5.83 1.51 -9.46
C VAL A 82 4.79 2.28 -8.62
N ILE A 83 3.64 2.63 -9.23
CA ILE A 83 2.75 3.67 -8.73
C ILE A 83 1.31 3.24 -8.75
N ASP A 84 0.62 3.43 -7.61
CA ASP A 84 -0.83 3.58 -7.59
C ASP A 84 -1.13 5.03 -7.26
N PRO A 85 -1.72 5.80 -8.24
CA PRO A 85 -2.10 7.22 -8.04
C PRO A 85 -3.19 7.43 -6.97
N LEU A 86 -3.96 6.39 -6.63
CA LEU A 86 -5.10 6.48 -5.69
C LEU A 86 -5.42 5.10 -5.21
N ASP A 87 -4.70 4.68 -4.16
CA ASP A 87 -5.03 3.44 -3.47
C ASP A 87 -6.21 3.77 -2.48
N GLY A 88 -7.38 3.21 -2.73
CA GLY A 88 -8.56 3.45 -1.88
C GLY A 88 -9.68 3.96 -2.74
N THR A 89 -9.70 3.47 -3.98
CA THR A 89 -10.75 3.92 -4.93
C THR A 89 -12.22 3.96 -4.42
N THR A 90 -12.70 2.86 -3.85
CA THR A 90 -14.06 2.79 -3.31
C THR A 90 -14.26 3.83 -2.18
N ASN A 91 -13.28 3.95 -1.28
CA ASN A 91 -13.29 5.02 -0.31
C ASN A 91 -13.49 6.41 -0.93
N PHE A 92 -12.74 6.70 -1.98
CA PHE A 92 -12.83 8.00 -2.62
C PHE A 92 -14.24 8.24 -3.15
N ILE A 93 -14.81 7.24 -3.84
CA ILE A 93 -16.16 7.32 -4.44
C ILE A 93 -17.23 7.51 -3.35
N LYS A 94 -17.08 6.82 -2.22
CA LYS A 94 -18.02 6.99 -1.08
C LYS A 94 -17.70 8.28 -0.29
N ARG A 95 -16.58 8.89 -0.59
CA ARG A 95 -16.08 10.01 0.17
C ARG A 95 -15.70 9.62 1.61
N LEU A 96 -15.24 8.38 1.82
CA LEU A 96 -14.49 8.00 3.03
C LEU A 96 -13.07 8.53 2.98
N PRO A 97 -12.67 9.40 3.94
CA PRO A 97 -11.45 10.14 3.72
C PRO A 97 -10.19 9.31 4.06
N HIS A 98 -10.07 8.11 3.52
CA HIS A 98 -8.90 7.27 3.82
C HIS A 98 -8.35 6.66 2.53
N PHE A 99 -7.36 7.33 1.96
CA PHE A 99 -6.77 6.88 0.72
C PHE A 99 -5.39 7.50 0.57
N ALA A 100 -4.57 6.95 -0.34
CA ALA A 100 -3.21 7.39 -0.44
C ALA A 100 -2.67 7.17 -1.84
N VAL A 101 -1.68 7.99 -2.13
CA VAL A 101 -0.78 7.82 -3.30
C VAL A 101 0.36 6.97 -2.86
N SER A 102 0.62 5.91 -3.63
CA SER A 102 1.77 5.03 -3.37
C SER A 102 2.76 5.09 -4.56
N ILE A 103 4.03 5.32 -4.30
CA ILE A 103 5.08 5.42 -5.35
C ILE A 103 6.31 4.76 -4.79
N ALA A 104 6.74 3.65 -5.41
CA ALA A 104 7.96 2.97 -5.08
C ALA A 104 8.95 3.10 -6.26
N VAL A 105 10.26 3.23 -5.97
CA VAL A 105 11.29 3.09 -7.03
C VAL A 105 12.05 1.77 -6.86
N ARG A 106 12.04 0.92 -7.89
CA ARG A 106 12.83 -0.32 -7.82
C ARG A 106 14.08 -0.21 -8.71
N ILE A 107 15.25 -0.55 -8.16
CA ILE A 107 16.46 -0.51 -8.93
C ILE A 107 16.99 -1.93 -9.10
N LYS A 108 17.07 -2.35 -10.36
CA LYS A 108 17.41 -3.72 -10.74
C LYS A 108 16.65 -4.68 -9.83
N GLY A 109 15.33 -4.56 -9.82
CA GLY A 109 14.45 -5.43 -9.04
C GLY A 109 14.47 -5.32 -7.50
N ARG A 110 15.18 -4.36 -6.92
CA ARG A 110 15.11 -4.12 -5.44
C ARG A 110 14.50 -2.74 -5.17
N THR A 111 13.43 -2.69 -4.36
CA THR A 111 12.84 -1.40 -3.95
C THR A 111 13.82 -0.56 -3.08
N GLU A 112 14.09 0.68 -3.48
CA GLU A 112 15.08 1.51 -2.79
C GLU A 112 14.42 2.72 -2.22
N VAL A 113 13.28 3.10 -2.80
CA VAL A 113 12.57 4.31 -2.38
C VAL A 113 11.07 4.04 -2.26
N ALA A 114 10.43 4.65 -1.26
CA ALA A 114 9.01 4.39 -1.01
C ALA A 114 8.40 5.62 -0.40
N VAL A 115 7.27 6.01 -0.95
CA VAL A 115 6.51 7.12 -0.46
C VAL A 115 5.09 6.59 -0.42
N VAL A 116 4.42 6.74 0.72
CA VAL A 116 2.96 6.64 0.78
C VAL A 116 2.45 7.90 1.42
N TYR A 117 1.47 8.54 0.79
CA TYR A 117 1.15 9.87 1.16
C TYR A 117 -0.36 9.99 1.31
N ASP A 118 -0.84 10.38 2.49
CA ASP A 118 -2.28 10.57 2.75
C ASP A 118 -2.60 12.06 2.58
N PRO A 119 -3.34 12.42 1.56
CA PRO A 119 -3.38 13.90 1.43
C PRO A 119 -4.48 14.55 2.33
N MET A 120 -5.43 13.75 2.84
CA MET A 120 -6.49 14.30 3.75
C MET A 120 -5.87 14.63 5.09
N ARG A 121 -5.07 13.72 5.63
CA ARG A 121 -4.36 13.91 6.90
C ARG A 121 -3.05 14.63 6.77
N ASN A 122 -2.65 14.84 5.50
CA ASN A 122 -1.34 15.38 5.12
C ASN A 122 -0.26 14.65 5.82
N GLU A 123 -0.29 13.33 5.70
CA GLU A 123 0.76 12.50 6.29
C GLU A 123 1.56 11.86 5.15
N LEU A 124 2.87 12.10 5.17
CA LEU A 124 3.81 11.61 4.15
C LEU A 124 4.68 10.60 4.79
N PHE A 125 4.55 9.33 4.41
CA PHE A 125 5.45 8.32 4.94
C PHE A 125 6.51 8.03 3.89
N THR A 126 7.77 7.89 4.27
CA THR A 126 8.82 7.70 3.29
C THR A 126 9.81 6.71 3.83
N ALA A 127 10.61 6.15 2.93
CA ALA A 127 11.71 5.25 3.31
C ALA A 127 12.68 5.20 2.14
N THR A 128 13.97 5.04 2.44
CA THR A 128 14.94 4.66 1.43
C THR A 128 15.68 3.47 2.00
N ARG A 129 16.16 2.59 1.15
CA ARG A 129 16.68 1.32 1.59
C ARG A 129 17.96 1.46 2.43
N GLY A 130 18.02 0.67 3.49
CA GLY A 130 19.07 0.82 4.47
C GLY A 130 19.01 2.04 5.38
N GLN A 131 18.11 2.99 5.13
CA GLN A 131 18.06 4.20 5.97
C GLN A 131 16.79 4.44 6.84
N GLY A 132 15.88 3.45 6.87
CA GLY A 132 14.71 3.50 7.77
C GLY A 132 13.57 4.30 7.20
N ALA A 133 12.48 4.29 7.95
CA ALA A 133 11.21 4.88 7.56
C ALA A 133 10.90 6.08 8.45
N GLN A 134 10.19 7.06 7.88
CA GLN A 134 9.77 8.26 8.58
C GLN A 134 8.33 8.63 8.23
N LEU A 135 7.68 9.33 9.16
CA LEU A 135 6.37 9.94 8.93
C LEU A 135 6.55 11.40 9.18
N ASN A 136 6.18 12.22 8.19
CA ASN A 136 6.49 13.66 8.25
C ASN A 136 7.88 13.97 8.88
N GLY A 137 8.90 13.20 8.52
CA GLY A 137 10.26 13.51 8.98
C GLY A 137 10.70 12.83 10.27
N TYR A 138 9.78 12.15 10.94
CA TYR A 138 10.09 11.46 12.18
C TYR A 138 10.18 9.95 12.06
N ARG A 139 11.26 9.40 12.59
CA ARG A 139 11.54 7.97 12.49
C ARG A 139 10.42 7.08 13.03
N LEU A 140 10.15 6.00 12.30
CA LEU A 140 9.17 4.98 12.68
C LEU A 140 9.87 3.72 13.15
N ARG A 141 9.27 3.05 14.13
CA ARG A 141 9.63 1.71 14.55
C ARG A 141 8.30 1.01 14.60
N GLY A 142 8.27 -0.29 14.48
CA GLY A 142 6.95 -0.92 14.34
C GLY A 142 6.14 -0.81 15.63
N SER A 143 5.34 -1.82 15.90
CA SER A 143 4.78 -2.02 17.23
C SER A 143 5.71 -2.98 17.97
N THR A 144 5.66 -2.94 19.30
CA THR A 144 6.47 -3.83 20.14
C THR A 144 5.71 -5.06 20.68
N ALA A 145 4.64 -5.47 19.98
CA ALA A 145 3.79 -6.56 20.43
C ALA A 145 4.45 -7.93 20.24
N ARG A 146 4.09 -8.90 21.08
CA ARG A 146 4.86 -10.14 21.17
C ARG A 146 4.04 -11.38 20.87
N ASP A 147 2.72 -11.19 20.82
CA ASP A 147 1.77 -12.23 20.47
C ASP A 147 0.50 -11.47 20.07
N LEU A 148 -0.57 -12.20 19.79
CA LEU A 148 -1.76 -11.70 19.15
C LEU A 148 -2.85 -11.11 20.07
N ASP A 149 -2.54 -11.12 21.37
CA ASP A 149 -3.50 -10.76 22.42
C ASP A 149 -3.57 -9.26 22.67
N GLY A 150 -4.66 -8.64 22.29
CA GLY A 150 -4.69 -7.18 22.44
C GLY A 150 -4.00 -6.48 21.27
N THR A 151 -3.70 -7.25 20.21
CA THR A 151 -3.26 -6.64 18.97
C THR A 151 -4.44 -6.20 18.08
N ILE A 152 -4.14 -5.24 17.22
CA ILE A 152 -5.05 -4.75 16.18
C ILE A 152 -4.45 -5.11 14.79
N LEU A 153 -5.18 -5.86 13.98
CA LEU A 153 -4.65 -6.35 12.71
C LEU A 153 -5.41 -5.70 11.59
N ALA A 154 -4.70 -4.91 10.75
CA ALA A 154 -5.34 -4.33 9.58
C ALA A 154 -5.60 -5.45 8.53
N THR A 155 -6.69 -5.39 7.81
CA THR A 155 -6.89 -6.42 6.82
C THR A 155 -7.96 -5.98 5.89
N GLY A 156 -8.27 -6.78 4.89
CA GLY A 156 -9.43 -6.51 3.98
C GLY A 156 -9.98 -7.85 3.50
N PHE A 157 -11.27 -7.92 3.18
CA PHE A 157 -11.93 -9.11 2.63
C PHE A 157 -11.60 -9.22 1.13
N PRO A 158 -11.58 -10.46 0.59
CA PRO A 158 -11.13 -10.71 -0.82
C PRO A 158 -12.24 -10.43 -1.81
N PHE A 159 -12.69 -9.19 -1.75
CA PHE A 159 -13.75 -8.70 -2.60
C PHE A 159 -13.43 -8.98 -4.08
N LYS A 160 -12.17 -8.81 -4.44
CA LYS A 160 -11.76 -9.00 -5.86
C LYS A 160 -11.33 -10.44 -6.14
N ALA A 161 -11.53 -11.33 -5.16
CA ALA A 161 -11.04 -12.74 -5.16
C ALA A 161 -11.93 -13.62 -4.28
N LYS A 162 -13.21 -13.64 -4.64
CA LYS A 162 -14.29 -14.16 -3.80
C LYS A 162 -14.16 -15.64 -3.54
N GLN A 163 -13.50 -16.34 -4.46
CA GLN A 163 -13.25 -17.76 -4.36
C GLN A 163 -12.42 -18.09 -3.12
N TYR A 164 -11.76 -17.09 -2.53
CA TYR A 164 -11.02 -17.34 -1.28
C TYR A 164 -11.82 -16.95 0.01
N ALA A 165 -13.09 -16.56 -0.18
CA ALA A 165 -14.04 -16.21 0.94
C ALA A 165 -13.98 -17.11 2.15
N THR A 166 -14.19 -18.40 1.92
CA THR A 166 -14.21 -19.39 2.99
C THR A 166 -12.88 -19.51 3.69
N THR A 167 -11.79 -19.65 2.93
CA THR A 167 -10.46 -19.75 3.54
C THR A 167 -10.14 -18.52 4.41
N TYR A 168 -10.38 -17.34 3.84
CA TYR A 168 -10.13 -16.04 4.50
C TYR A 168 -10.92 -15.94 5.78
N ILE A 169 -12.22 -16.10 5.66
CA ILE A 169 -13.15 -16.12 6.81
C ILE A 169 -12.74 -17.15 7.88
N ASN A 170 -12.22 -18.29 7.45
CA ASN A 170 -11.68 -19.22 8.39
C ASN A 170 -10.42 -18.69 9.10
N ILE A 171 -9.55 -18.01 8.35
CA ILE A 171 -8.33 -17.41 8.96
C ILE A 171 -8.74 -16.32 9.96
N VAL A 172 -9.67 -15.48 9.55
CA VAL A 172 -10.16 -14.39 10.45
C VAL A 172 -10.67 -15.03 11.78
N GLY A 173 -11.50 -16.05 11.63
CA GLY A 173 -12.00 -16.84 12.78
C GLY A 173 -10.90 -17.23 13.74
N LYS A 174 -9.89 -17.94 13.26
CA LYS A 174 -8.75 -18.36 14.11
C LYS A 174 -8.00 -17.25 14.81
N LEU A 175 -7.79 -16.12 14.13
CA LEU A 175 -6.97 -15.06 14.75
C LEU A 175 -7.76 -14.35 15.88
N PHE A 176 -9.05 -14.14 15.59
CA PHE A 176 -10.04 -13.63 16.58
C PHE A 176 -10.02 -14.50 17.86
N ASN A 177 -9.80 -15.81 17.69
CA ASN A 177 -9.84 -16.72 18.83
C ASN A 177 -8.54 -16.63 19.62
N GLU A 178 -7.56 -15.90 19.09
CA GLU A 178 -6.33 -15.58 19.83
C GLU A 178 -6.34 -14.18 20.43
N CYS A 179 -7.51 -13.56 20.51
CA CYS A 179 -7.65 -12.26 21.16
C CYS A 179 -7.00 -11.11 20.35
N ALA A 180 -7.00 -11.27 19.02
CA ALA A 180 -6.71 -10.16 18.11
C ALA A 180 -8.02 -9.47 17.81
N ASP A 181 -7.98 -8.16 17.51
CA ASP A 181 -9.13 -7.52 16.90
C ASP A 181 -8.74 -6.94 15.50
N PHE A 182 -9.71 -6.51 14.71
CA PHE A 182 -9.38 -6.11 13.33
C PHE A 182 -9.70 -4.65 12.99
N ARG A 183 -8.88 -4.08 12.09
CA ARG A 183 -9.31 -2.90 11.34
C ARG A 183 -9.42 -3.27 9.83
N ALA A 184 -10.41 -2.72 9.13
CA ALA A 184 -10.54 -2.89 7.70
C ALA A 184 -10.80 -1.49 7.15
N THR A 185 -9.75 -0.92 6.51
CA THR A 185 -9.71 0.53 6.23
C THR A 185 -9.89 0.90 4.77
N GLY A 186 -9.67 -0.10 3.88
CA GLY A 186 -9.94 0.14 2.44
C GLY A 186 -8.72 0.71 1.67
N SER A 187 -7.56 0.69 2.29
CA SER A 187 -6.34 1.26 1.68
C SER A 187 -5.16 0.42 2.14
N ALA A 188 -4.77 -0.59 1.34
CA ALA A 188 -3.60 -1.41 1.73
C ALA A 188 -2.30 -0.64 1.92
N ALA A 189 -2.07 0.36 1.08
CA ALA A 189 -0.78 1.09 1.18
C ALA A 189 -0.70 1.85 2.53
N LEU A 190 -1.79 2.48 2.90
CA LEU A 190 -1.95 3.05 4.25
C LEU A 190 -1.89 2.05 5.37
N ASP A 191 -2.47 0.87 5.16
CA ASP A 191 -2.34 -0.17 6.20
C ASP A 191 -0.87 -0.52 6.45
N LEU A 192 -0.09 -0.66 5.37
CA LEU A 192 1.30 -1.00 5.50
C LEU A 192 2.05 0.11 6.17
N ALA A 193 1.73 1.33 5.77
CA ALA A 193 2.35 2.50 6.44
C ALA A 193 2.04 2.40 7.97
N TYR A 194 0.82 1.96 8.33
CA TYR A 194 0.41 1.98 9.77
C TYR A 194 1.07 0.87 10.56
N VAL A 195 1.33 -0.25 9.89
CA VAL A 195 2.20 -1.28 10.42
C VAL A 195 3.57 -0.67 10.74
N ALA A 196 4.17 0.06 9.79
CA ALA A 196 5.50 0.71 9.98
C ALA A 196 5.53 1.66 11.16
N ALA A 197 4.44 2.37 11.34
CA ALA A 197 4.29 3.40 12.37
C ALA A 197 3.69 2.81 13.65
N GLY A 198 3.53 1.48 13.73
CA GLY A 198 2.95 0.85 14.95
C GLY A 198 1.46 1.17 15.25
N ARG A 199 0.83 1.95 14.36
CA ARG A 199 -0.59 2.28 14.50
C ARG A 199 -1.49 1.05 14.45
N VAL A 200 -1.02 0.00 13.76
CA VAL A 200 -1.58 -1.35 13.88
C VAL A 200 -0.48 -2.34 14.14
N ASP A 201 -0.79 -3.56 14.60
CA ASP A 201 0.27 -4.52 14.93
C ASP A 201 0.54 -5.46 13.78
N GLY A 202 -0.35 -5.55 12.84
CA GLY A 202 -0.02 -6.40 11.72
C GLY A 202 -1.03 -6.24 10.67
N PHE A 203 -0.78 -6.93 9.54
CA PHE A 203 -1.58 -6.75 8.33
C PHE A 203 -1.58 -8.06 7.59
N PHE A 204 -2.69 -8.45 7.04
CA PHE A 204 -2.68 -9.65 6.25
C PHE A 204 -3.77 -9.39 5.27
N GLU A 205 -3.49 -9.52 3.97
CA GLU A 205 -4.54 -9.50 3.00
C GLU A 205 -4.07 -10.40 1.83
N ILE A 206 -5.06 -10.89 1.10
CA ILE A 206 -4.92 -11.78 -0.04
C ILE A 206 -5.02 -10.98 -1.33
N GLY A 207 -4.15 -11.29 -2.29
CA GLY A 207 -4.44 -10.93 -3.70
C GLY A 207 -4.14 -9.47 -3.94
N LEU A 208 -3.18 -8.92 -3.24
CA LEU A 208 -2.89 -7.47 -3.48
C LEU A 208 -2.17 -7.31 -4.86
N ARG A 209 -2.34 -6.18 -5.51
CA ARG A 209 -1.52 -5.86 -6.72
C ARG A 209 -0.28 -5.14 -6.32
N PRO A 210 0.82 -5.35 -7.08
CA PRO A 210 2.14 -4.89 -6.63
C PRO A 210 2.21 -3.38 -6.43
N TRP A 211 1.44 -2.61 -7.15
CA TRP A 211 1.55 -1.17 -7.01
C TRP A 211 1.03 -0.72 -5.60
N ASP A 212 0.19 -1.56 -4.97
CA ASP A 212 -0.37 -1.21 -3.63
C ASP A 212 0.53 -1.64 -2.49
N PHE A 213 1.46 -2.56 -2.72
CA PHE A 213 2.37 -2.91 -1.63
C PHE A 213 3.84 -2.57 -1.84
N ALA A 214 4.22 -2.17 -3.06
CA ALA A 214 5.65 -1.95 -3.36
C ALA A 214 6.27 -0.87 -2.46
N ALA A 215 5.59 0.24 -2.21
CA ALA A 215 6.10 1.27 -1.25
C ALA A 215 5.85 0.80 0.20
N GLY A 216 4.63 0.36 0.49
CA GLY A 216 4.27 -0.13 1.86
C GLY A 216 5.18 -1.18 2.42
N GLU A 217 5.61 -2.13 1.61
CA GLU A 217 6.46 -3.21 2.09
C GLU A 217 7.85 -2.75 2.57
N LEU A 218 8.41 -1.75 1.89
CA LEU A 218 9.67 -1.22 2.29
C LEU A 218 9.49 -0.35 3.55
N LEU A 219 8.41 0.41 3.62
CA LEU A 219 8.06 1.09 4.91
C LEU A 219 8.19 0.14 6.11
N VAL A 220 7.59 -1.06 6.04
CA VAL A 220 7.63 -2.04 7.14
C VAL A 220 9.04 -2.55 7.44
N ARG A 221 9.78 -2.92 6.39
CA ARG A 221 11.10 -3.51 6.54
C ARG A 221 12.06 -2.51 7.04
N GLU A 222 11.85 -1.23 6.76
CA GLU A 222 12.73 -0.17 7.25
C GLU A 222 12.34 0.36 8.65
N ALA A 223 11.16 -0.03 9.14
CA ALA A 223 10.77 0.26 10.51
C ALA A 223 10.84 -0.98 11.39
N GLY A 224 11.70 -1.92 11.00
CA GLY A 224 12.01 -3.14 11.75
C GLY A 224 11.03 -4.30 11.71
N GLY A 225 10.11 -4.33 10.73
CA GLY A 225 9.21 -5.45 10.59
C GLY A 225 9.61 -6.33 9.42
N ILE A 226 8.76 -7.28 9.09
CA ILE A 226 9.04 -8.15 7.97
C ILE A 226 7.77 -8.35 7.13
N VAL A 227 7.92 -8.71 5.88
CA VAL A 227 6.77 -9.12 5.13
C VAL A 227 6.98 -10.46 4.45
N SER A 228 5.94 -11.28 4.47
CA SER A 228 6.06 -12.59 4.00
C SER A 228 4.79 -12.95 3.26
N ASP A 229 4.84 -14.11 2.61
CA ASP A 229 3.75 -14.88 2.00
C ASP A 229 2.84 -15.40 3.11
N PHE A 230 1.61 -15.79 2.79
CA PHE A 230 0.74 -16.51 3.77
C PHE A 230 1.35 -17.86 4.21
N THR A 231 2.21 -18.45 3.38
CA THR A 231 2.90 -19.68 3.76
C THR A 231 4.32 -19.46 4.30
N GLY A 232 4.68 -18.22 4.61
CA GLY A 232 6.01 -17.97 5.20
C GLY A 232 7.13 -17.54 4.26
N GLY A 233 6.91 -17.68 2.95
CA GLY A 233 7.95 -17.42 1.94
C GLY A 233 8.16 -15.96 1.53
N HIS A 234 9.14 -15.74 0.65
CA HIS A 234 9.39 -14.43 0.05
C HIS A 234 8.70 -14.35 -1.34
N ASN A 235 7.71 -15.22 -1.57
CA ASN A 235 6.90 -15.28 -2.81
C ASN A 235 5.76 -14.27 -3.01
N TYR A 236 5.70 -13.24 -2.17
CA TYR A 236 4.45 -12.49 -2.08
C TYR A 236 4.28 -11.55 -3.30
N MET A 237 5.39 -11.17 -3.92
CA MET A 237 5.32 -10.32 -5.14
C MET A 237 4.50 -10.98 -6.22
N LEU A 238 4.70 -12.28 -6.50
CA LEU A 238 3.86 -13.03 -7.45
C LEU A 238 2.42 -13.20 -7.01
N THR A 239 2.23 -13.56 -5.74
CA THR A 239 0.89 -13.81 -5.19
C THR A 239 0.12 -12.51 -4.78
N GLY A 240 0.80 -11.59 -4.10
CA GLY A 240 0.09 -10.42 -3.52
C GLY A 240 -0.59 -10.83 -2.22
N ASN A 241 -0.20 -11.98 -1.67
CA ASN A 241 -0.78 -12.56 -0.41
C ASN A 241 0.23 -12.15 0.65
N ILE A 242 -0.13 -11.18 1.46
CA ILE A 242 0.84 -10.40 2.19
C ILE A 242 0.48 -10.49 3.66
N VAL A 243 1.49 -10.78 4.49
CA VAL A 243 1.42 -10.78 5.93
C VAL A 243 2.56 -9.86 6.29
N ALA A 244 2.29 -8.84 7.11
CA ALA A 244 3.30 -7.87 7.53
C ALA A 244 3.23 -7.50 9.01
N GLY A 245 4.34 -7.03 9.57
CA GLY A 245 4.39 -6.75 11.01
C GLY A 245 5.73 -7.22 11.57
N ASN A 246 5.96 -7.02 12.86
CA ASN A 246 7.20 -7.54 13.45
C ASN A 246 7.25 -9.04 13.38
N PRO A 247 8.46 -9.63 13.53
CA PRO A 247 8.74 -11.09 13.50
C PRO A 247 7.93 -12.02 14.42
N ARG A 248 7.61 -11.54 15.64
CA ARG A 248 6.65 -12.24 16.54
C ARG A 248 5.22 -12.22 16.03
N VAL A 249 4.72 -11.02 15.71
CA VAL A 249 3.34 -10.91 15.22
C VAL A 249 3.11 -11.75 13.93
N VAL A 250 4.06 -11.68 12.99
CA VAL A 250 3.96 -12.43 11.74
C VAL A 250 4.04 -13.93 11.97
N LYS A 251 5.04 -14.35 12.77
CA LYS A 251 5.16 -15.78 13.16
C LYS A 251 3.84 -16.28 13.79
N ALA A 252 3.31 -15.50 14.71
CA ALA A 252 2.02 -15.83 15.34
C ALA A 252 0.88 -15.87 14.36
N MET A 253 0.88 -14.96 13.38
CA MET A 253 -0.19 -14.96 12.34
C MET A 253 -0.02 -16.11 11.39
N LEU A 254 1.24 -16.38 11.01
CA LEU A 254 1.55 -17.47 10.07
C LEU A 254 1.18 -18.83 10.69
N ALA A 255 1.46 -18.98 11.99
CA ALA A 255 0.93 -20.09 12.78
C ALA A 255 -0.56 -20.38 12.50
N ASN A 256 -1.42 -19.35 12.55
CA ASN A 256 -2.85 -19.50 12.27
C ASN A 256 -3.25 -19.70 10.82
N MET A 257 -2.26 -19.73 9.93
CA MET A 257 -2.54 -19.83 8.49
C MET A 257 -2.17 -21.16 7.83
N ARG A 258 -1.26 -21.92 8.46
CA ARG A 258 -0.81 -23.22 7.92
C ARG A 258 -1.98 -24.07 7.47
N ASP A 259 -2.92 -24.26 8.40
CA ASP A 259 -4.01 -25.24 8.29
C ASP A 259 -5.14 -24.79 7.32
N GLU A 260 -4.85 -23.73 6.56
CA GLU A 260 -5.76 -23.16 5.53
C GLU A 260 -5.13 -23.24 4.13
N LEU A 261 -5.87 -22.83 3.09
CA LEU A 261 -5.34 -22.74 1.72
C LEU A 261 -4.06 -21.89 1.66
N SER A 262 -4.23 -20.62 1.27
CA SER A 262 -3.16 -19.61 1.18
C SER A 262 -3.78 -18.27 0.75
C ACT B . -8.47 -0.12 -5.05
O ACT B . -7.95 -1.09 -4.44
OXT ACT B . -8.12 1.09 -4.76
CH3 ACT B . -9.47 -0.47 -6.11
C1 EEE C . -7.16 -1.28 -1.04
C2 EEE C . -7.75 -2.31 -0.20
O1 EEE C . -5.93 -1.10 -1.10
O2 EEE C . -8.09 -0.49 -1.81
C3 EEE C . -9.44 -0.99 -2.05
C4 EEE C . -10.26 0.05 -2.83
#